data_4MVA
#
_entry.id   4MVA
#
_cell.length_a   46.535
_cell.length_b   67.529
_cell.length_c   150.336
_cell.angle_alpha   90.00
_cell.angle_beta   90.00
_cell.angle_gamma   90.00
#
_symmetry.space_group_name_H-M   'P 21 21 21'
#
loop_
_entity.id
_entity.type
_entity.pdbx_description
1 polymer 'Triosephosphate isomerase'
2 non-polymer 'CHLORIDE ION'
3 non-polymer ACETYLPHOSPHATE
4 non-polymer 'PHOSPHATE ION'
5 non-polymer 1,2-ETHANEDIOL
6 non-polymer DI(HYDROXYETHYL)ETHER
7 water water
#
_entity_poly.entity_id   1
_entity_poly.type   'polypeptide(L)'
_entity_poly.pdbx_seq_one_letter_code
;MHHHHHHSSGVDLGTENLYFQSNAMRHPLVMGNWKLNGSRHMVHELVSNLRKELAGVAGCAVAIAPPEMYIDMAKREAEG
SHIMLGAQNVDLNLSGAFTGETSAAMLKDIGAQYIIIGHSERRTYHKESDELIAKKFAVLKEQGLTPVLCIGETEAENEA
GKTEEVCARQIDAVLKTQGAAAFEGAVIAYEPVWAIGTGKSATPAQAQAVHKFIRDHIAKVDANIAEQVIIQYGGSVNAS
NAAELFAQPDIDGALVGGASLKADAFAVIVKAAEAAKQA
;
_entity_poly.pdbx_strand_id   A,B
#
loop_
_chem_comp.id
_chem_comp.type
_chem_comp.name
_chem_comp.formula
CL non-polymer 'CHLORIDE ION' 'Cl -1'
EDO non-polymer 1,2-ETHANEDIOL 'C2 H6 O2'
PEG non-polymer DI(HYDROXYETHYL)ETHER 'C4 H10 O3'
PO4 non-polymer 'PHOSPHATE ION' 'O4 P -3'
UVW non-polymer ACETYLPHOSPHATE 'C2 H5 O5 P'
#
# COMPACT_ATOMS: atom_id res chain seq x y z
N MET A 25 34.86 -5.32 10.77
CA MET A 25 34.09 -6.23 9.86
C MET A 25 32.63 -5.77 9.79
N ARG A 26 31.91 -6.27 8.79
CA ARG A 26 30.49 -5.92 8.64
C ARG A 26 29.60 -6.88 9.42
N HIS A 27 28.72 -6.32 10.24
CA HIS A 27 27.76 -7.12 11.03
C HIS A 27 26.63 -7.56 10.07
N PRO A 28 26.36 -8.89 9.97
CA PRO A 28 25.38 -9.27 8.98
C PRO A 28 23.94 -8.90 9.33
N LEU A 29 23.13 -8.88 8.30
CA LEU A 29 21.70 -8.58 8.41
C LEU A 29 20.94 -9.60 7.58
N VAL A 30 20.00 -10.30 8.21
CA VAL A 30 19.11 -11.19 7.50
C VAL A 30 17.71 -10.61 7.67
N MET A 31 17.08 -10.32 6.55
CA MET A 31 15.78 -9.70 6.52
C MET A 31 14.77 -10.59 5.83
N GLY A 32 13.58 -10.73 6.41
CA GLY A 32 12.54 -11.51 5.83
C GLY A 32 11.56 -10.65 5.05
N ASN A 33 11.47 -10.83 3.74
CA ASN A 33 10.47 -10.19 2.91
C ASN A 33 9.29 -11.13 2.82
N TRP A 34 8.24 -10.88 3.61
CA TRP A 34 7.09 -11.78 3.63
C TRP A 34 6.29 -11.71 2.34
N LYS A 35 6.53 -10.71 1.51
CA LYS A 35 5.76 -10.49 0.28
C LYS A 35 4.26 -10.46 0.63
N LEU A 36 3.41 -10.94 -0.25
CA LEU A 36 1.96 -10.82 0.00
C LEU A 36 1.47 -12.05 0.76
N ASN A 37 1.91 -12.12 2.02
CA ASN A 37 1.54 -13.22 2.90
C ASN A 37 1.35 -12.68 4.29
N GLY A 38 0.19 -12.93 4.86
CA GLY A 38 -0.13 -12.46 6.19
C GLY A 38 -1.59 -12.51 6.53
N SER A 39 -1.84 -12.56 7.83
CA SER A 39 -3.17 -12.49 8.47
C SER A 39 -2.87 -12.21 9.93
N ARG A 40 -3.85 -11.76 10.72
N ARG A 40 -3.85 -11.78 10.70
CA ARG A 40 -3.59 -11.53 12.14
CA ARG A 40 -3.61 -11.53 12.13
C ARG A 40 -3.08 -12.82 12.79
C ARG A 40 -3.12 -12.81 12.83
N HIS A 41 -3.71 -13.95 12.49
CA HIS A 41 -3.31 -15.22 13.08
C HIS A 41 -1.88 -15.59 12.68
N MET A 42 -1.59 -15.43 11.40
N MET A 42 -1.57 -15.45 11.40
CA MET A 42 -0.28 -15.77 10.90
CA MET A 42 -0.22 -15.76 10.92
C MET A 42 0.81 -14.87 11.51
C MET A 42 0.81 -14.87 11.56
N VAL A 43 0.53 -13.58 11.62
CA VAL A 43 1.49 -12.64 12.20
C VAL A 43 1.80 -13.02 13.65
N HIS A 44 0.76 -13.28 14.43
CA HIS A 44 0.95 -13.66 15.82
C HIS A 44 1.77 -14.94 15.94
N GLU A 45 1.41 -15.96 15.16
N GLU A 45 1.43 -15.97 15.18
CA GLU A 45 2.12 -17.23 15.21
CA GLU A 45 2.17 -17.21 15.28
C GLU A 45 3.57 -17.11 14.75
C GLU A 45 3.59 -17.13 14.74
N LEU A 46 3.77 -16.48 13.60
CA LEU A 46 5.10 -16.35 13.04
C LEU A 46 6.03 -15.49 13.90
N VAL A 47 5.55 -14.33 14.34
CA VAL A 47 6.38 -13.51 15.19
C VAL A 47 6.67 -14.24 16.50
N SER A 48 5.70 -14.91 17.10
CA SER A 48 5.99 -15.64 18.34
C SER A 48 7.04 -16.71 18.11
N ASN A 49 6.91 -17.44 17.02
CA ASN A 49 7.87 -18.51 16.77
C ASN A 49 9.26 -17.91 16.45
N LEU A 50 9.31 -16.81 15.72
CA LEU A 50 10.57 -16.13 15.42
C LEU A 50 11.24 -15.69 16.74
N ARG A 51 10.47 -15.11 17.66
CA ARG A 51 11.03 -14.71 18.95
C ARG A 51 11.71 -15.88 19.64
N LYS A 52 11.05 -17.02 19.67
CA LYS A 52 11.63 -18.19 20.31
C LYS A 52 12.87 -18.69 19.60
N GLU A 53 12.78 -18.84 18.28
N GLU A 53 12.79 -18.86 18.28
CA GLU A 53 13.89 -19.39 17.51
CA GLU A 53 13.90 -19.42 17.53
C GLU A 53 15.12 -18.50 17.46
C GLU A 53 15.12 -18.48 17.38
N LEU A 54 14.91 -17.18 17.61
CA LEU A 54 15.97 -16.21 17.50
C LEU A 54 16.44 -15.63 18.83
N ALA A 55 15.87 -16.06 19.92
CA ALA A 55 16.19 -15.48 21.24
C ALA A 55 17.67 -15.64 21.63
N GLY A 56 18.31 -16.68 21.13
CA GLY A 56 19.71 -16.93 21.44
C GLY A 56 20.71 -16.40 20.43
N VAL A 57 20.23 -15.69 19.42
CA VAL A 57 21.13 -15.12 18.41
C VAL A 57 21.79 -13.82 18.89
N ALA A 58 23.10 -13.72 18.67
CA ALA A 58 23.86 -12.51 19.04
C ALA A 58 24.56 -11.84 17.86
N GLY A 59 24.99 -12.62 16.88
CA GLY A 59 25.84 -12.06 15.84
C GLY A 59 25.24 -11.82 14.48
N CYS A 60 23.94 -11.59 14.43
CA CYS A 60 23.29 -11.27 13.16
C CYS A 60 22.06 -10.46 13.45
N ALA A 61 21.93 -9.32 12.81
CA ALA A 61 20.76 -8.47 12.94
C ALA A 61 19.64 -9.08 12.12
N VAL A 62 18.41 -8.88 12.58
CA VAL A 62 17.22 -9.43 11.95
C VAL A 62 16.15 -8.39 11.78
N ALA A 63 15.57 -8.35 10.58
CA ALA A 63 14.41 -7.49 10.29
C ALA A 63 13.37 -8.31 9.55
N ILE A 64 12.13 -7.87 9.66
CA ILE A 64 11.01 -8.48 8.93
C ILE A 64 10.16 -7.40 8.30
N ALA A 65 9.61 -7.70 7.13
CA ALA A 65 8.72 -6.78 6.39
C ALA A 65 7.43 -7.49 6.04
N PRO A 66 6.43 -7.39 6.95
CA PRO A 66 5.10 -7.92 6.68
C PRO A 66 4.37 -6.99 5.70
N PRO A 67 3.24 -7.45 5.14
CA PRO A 67 2.37 -6.53 4.40
C PRO A 67 2.04 -5.31 5.28
N GLU A 68 1.87 -4.19 4.62
CA GLU A 68 1.76 -2.88 5.29
C GLU A 68 0.72 -2.82 6.40
N MET A 69 -0.45 -3.43 6.20
N MET A 69 -0.44 -3.43 6.22
CA MET A 69 -1.46 -3.35 7.26
CA MET A 69 -1.47 -3.35 7.25
C MET A 69 -1.09 -4.06 8.56
C MET A 69 -1.17 -4.16 8.52
N TYR A 70 -0.09 -4.96 8.49
CA TYR A 70 0.35 -5.74 9.63
C TYR A 70 1.64 -5.25 10.29
N ILE A 71 2.24 -4.18 9.79
CA ILE A 71 3.46 -3.67 10.42
C ILE A 71 3.24 -3.33 11.89
N ASP A 72 2.18 -2.60 12.19
CA ASP A 72 1.86 -2.19 13.54
C ASP A 72 1.76 -3.41 14.46
N MET A 73 0.89 -4.34 14.11
CA MET A 73 0.73 -5.55 14.93
C MET A 73 2.06 -6.28 15.11
N ALA A 74 2.82 -6.44 14.03
CA ALA A 74 4.11 -7.16 14.12
C ALA A 74 5.11 -6.43 15.03
N LYS A 75 5.16 -5.10 14.93
N LYS A 75 5.15 -5.10 14.93
CA LYS A 75 6.02 -4.29 15.78
CA LYS A 75 5.99 -4.27 15.77
C LYS A 75 5.64 -4.51 17.24
C LYS A 75 5.64 -4.52 17.23
N ARG A 76 4.35 -4.52 17.53
CA ARG A 76 3.87 -4.74 18.91
C ARG A 76 4.20 -6.16 19.38
N GLU A 77 4.05 -7.17 18.51
CA GLU A 77 4.38 -8.57 18.85
C GLU A 77 5.90 -8.72 19.08
N ALA A 78 6.72 -7.92 18.39
CA ALA A 78 8.18 -8.02 18.47
C ALA A 78 8.80 -7.27 19.67
N GLU A 79 8.01 -6.45 20.37
CA GLU A 79 8.54 -5.69 21.49
C GLU A 79 9.08 -6.62 22.55
N GLY A 80 10.34 -6.41 22.95
CA GLY A 80 11.00 -7.27 23.91
C GLY A 80 12.04 -8.17 23.25
N SER A 81 11.99 -8.27 21.93
CA SER A 81 12.97 -9.05 21.14
C SER A 81 13.89 -8.12 20.40
N HIS A 82 14.86 -8.67 19.68
CA HIS A 82 15.74 -7.86 18.85
C HIS A 82 15.27 -7.84 17.40
N ILE A 83 14.07 -8.36 17.10
CA ILE A 83 13.55 -8.36 15.73
C ILE A 83 13.12 -6.94 15.37
N MET A 84 13.71 -6.42 14.28
CA MET A 84 13.39 -5.10 13.78
C MET A 84 12.34 -5.15 12.71
N LEU A 85 11.60 -4.07 12.55
CA LEU A 85 10.54 -4.03 11.54
C LEU A 85 10.93 -3.27 10.28
N GLY A 86 10.12 -3.46 9.27
CA GLY A 86 10.40 -2.96 7.95
C GLY A 86 9.14 -2.98 7.13
N ALA A 87 9.27 -2.59 5.87
CA ALA A 87 8.17 -2.51 4.92
C ALA A 87 8.64 -2.85 3.53
N GLN A 88 7.69 -3.13 2.67
CA GLN A 88 7.97 -3.65 1.33
C GLN A 88 8.06 -2.61 0.21
N ASN A 89 7.70 -1.36 0.53
CA ASN A 89 7.69 -0.27 -0.45
C ASN A 89 7.36 1.06 0.25
N VAL A 90 7.57 2.15 -0.47
CA VAL A 90 7.17 3.49 -0.01
C VAL A 90 6.94 4.32 -1.24
N ASP A 91 6.12 5.35 -1.12
CA ASP A 91 5.89 6.32 -2.19
C ASP A 91 6.66 7.62 -1.86
N LEU A 92 6.45 8.70 -2.62
CA LEU A 92 7.28 9.91 -2.51
C LEU A 92 6.81 11.03 -1.60
N ASN A 93 5.52 11.07 -1.28
CA ASN A 93 4.95 12.15 -0.48
C ASN A 93 4.87 11.83 0.98
N LEU A 94 5.00 12.82 1.85
CA LEU A 94 4.87 12.61 3.29
C LEU A 94 3.42 12.68 3.74
N SER A 95 2.65 13.57 3.10
CA SER A 95 1.24 13.73 3.39
C SER A 95 0.61 14.44 2.22
N GLY A 96 -0.73 14.45 2.20
CA GLY A 96 -1.49 15.17 1.22
C GLY A 96 -2.57 14.37 0.49
N ALA A 97 -3.02 14.93 -0.64
CA ALA A 97 -4.14 14.35 -1.39
C ALA A 97 -3.65 13.30 -2.37
N PHE A 98 -3.22 12.16 -1.80
CA PHE A 98 -2.61 11.07 -2.54
C PHE A 98 -3.23 9.74 -2.11
N THR A 99 -4.47 9.56 -2.53
CA THR A 99 -5.24 8.38 -2.16
C THR A 99 -4.50 7.09 -2.47
N GLY A 100 -4.41 6.22 -1.49
CA GLY A 100 -3.78 4.92 -1.63
C GLY A 100 -2.28 4.83 -1.52
N GLU A 101 -1.60 5.95 -1.33
CA GLU A 101 -0.13 5.93 -1.25
C GLU A 101 0.37 5.61 0.15
N THR A 102 1.68 5.31 0.20
CA THR A 102 2.40 5.02 1.43
C THR A 102 3.43 6.13 1.72
N SER A 103 3.36 6.71 2.92
CA SER A 103 4.23 7.79 3.35
C SER A 103 5.39 7.30 4.23
N ALA A 104 6.61 7.77 3.93
CA ALA A 104 7.78 7.44 4.74
C ALA A 104 7.61 7.95 6.17
N ALA A 105 6.94 9.10 6.36
CA ALA A 105 6.75 9.64 7.70
C ALA A 105 5.87 8.71 8.51
N MET A 106 4.89 8.07 7.87
CA MET A 106 4.00 7.13 8.52
C MET A 106 4.70 5.81 8.81
N LEU A 107 5.50 5.34 7.86
CA LEU A 107 6.29 4.13 8.12
C LEU A 107 7.18 4.36 9.36
N LYS A 108 7.80 5.52 9.47
CA LYS A 108 8.65 5.85 10.65
C LYS A 108 7.78 5.83 11.90
N ASP A 109 6.64 6.48 11.84
CA ASP A 109 5.73 6.58 12.99
C ASP A 109 5.26 5.24 13.52
N ILE A 110 5.02 4.27 12.66
N ILE A 110 5.01 4.31 12.60
CA ILE A 110 4.53 2.97 13.15
CA ILE A 110 4.46 3.00 12.93
C ILE A 110 5.63 2.03 13.57
C ILE A 110 5.57 2.01 13.35
N GLY A 111 6.87 2.40 13.29
CA GLY A 111 7.97 1.60 13.75
C GLY A 111 8.80 0.83 12.75
N ALA A 112 8.52 1.01 11.46
CA ALA A 112 9.32 0.36 10.43
C ALA A 112 10.64 1.10 10.29
N GLN A 113 11.70 0.34 10.09
CA GLN A 113 13.04 0.91 9.91
C GLN A 113 13.66 0.56 8.56
N TYR A 114 13.57 -0.71 8.16
CA TYR A 114 14.20 -1.21 6.95
C TYR A 114 13.18 -1.26 5.84
N ILE A 115 13.30 -0.37 4.86
CA ILE A 115 12.31 -0.23 3.82
C ILE A 115 12.81 -0.70 2.47
N ILE A 116 12.25 -1.80 2.01
CA ILE A 116 12.59 -2.40 0.70
C ILE A 116 12.10 -1.48 -0.40
N ILE A 117 12.99 -1.12 -1.33
CA ILE A 117 12.64 -0.32 -2.48
C ILE A 117 13.30 -0.92 -3.71
N GLY A 118 12.61 -0.89 -4.83
CA GLY A 118 13.14 -1.39 -6.08
C GLY A 118 13.16 -2.89 -6.24
N HIS A 119 12.37 -3.60 -5.44
CA HIS A 119 12.30 -5.03 -5.59
C HIS A 119 11.92 -5.36 -7.03
N SER A 120 12.47 -6.44 -7.54
N SER A 120 12.48 -6.43 -7.57
CA SER A 120 12.21 -6.86 -8.90
CA SER A 120 12.18 -6.78 -8.94
C SER A 120 10.72 -6.98 -9.25
C SER A 120 10.68 -6.88 -9.23
N GLU A 121 9.90 -7.38 -8.28
CA GLU A 121 8.44 -7.47 -8.51
C GLU A 121 7.84 -6.10 -8.79
N ARG A 122 8.38 -5.06 -8.18
CA ARG A 122 7.89 -3.71 -8.41
C ARG A 122 8.50 -3.05 -9.65
N ARG A 123 9.75 -3.33 -9.96
CA ARG A 123 10.35 -2.80 -11.19
C ARG A 123 9.65 -3.41 -12.40
N THR A 124 9.25 -4.66 -12.28
CA THR A 124 8.61 -5.39 -13.41
C THR A 124 7.11 -5.12 -13.45
N TYR A 125 6.36 -5.61 -12.46
CA TYR A 125 4.90 -5.45 -12.48
C TYR A 125 4.37 -4.03 -12.38
N HIS A 126 5.11 -3.15 -11.69
CA HIS A 126 4.67 -1.79 -11.47
C HIS A 126 5.49 -0.75 -12.24
N LYS A 127 6.37 -1.23 -13.11
N LYS A 127 6.39 -1.22 -13.10
CA LYS A 127 7.17 -0.36 -13.98
CA LYS A 127 7.19 -0.36 -13.98
C LYS A 127 7.89 0.76 -13.22
C LYS A 127 8.04 0.69 -13.29
N GLU A 128 8.41 0.46 -12.04
CA GLU A 128 9.16 1.46 -11.29
C GLU A 128 10.54 1.71 -11.89
N SER A 129 10.82 2.97 -12.23
CA SER A 129 12.07 3.32 -12.91
C SER A 129 13.22 3.50 -11.93
N ASP A 130 14.45 3.40 -12.45
CA ASP A 130 15.66 3.65 -11.65
C ASP A 130 15.57 4.99 -10.93
N GLU A 131 15.09 6.01 -11.65
CA GLU A 131 14.99 7.36 -11.10
C GLU A 131 13.95 7.48 -9.99
N LEU A 132 12.81 6.84 -10.17
CA LEU A 132 11.77 6.80 -9.12
C LEU A 132 12.34 6.15 -7.87
N ILE A 133 13.01 5.02 -8.04
N ILE A 133 13.02 5.01 -8.05
CA ILE A 133 13.56 4.31 -6.91
CA ILE A 133 13.60 4.29 -6.91
C ILE A 133 14.60 5.16 -6.16
C ILE A 133 14.61 5.17 -6.15
N ALA A 134 15.43 5.91 -6.91
CA ALA A 134 16.40 6.79 -6.28
C ALA A 134 15.70 7.93 -5.51
N LYS A 135 14.56 8.41 -6.03
CA LYS A 135 13.81 9.44 -5.29
C LYS A 135 13.26 8.85 -3.99
N LYS A 136 12.83 7.59 -4.04
CA LYS A 136 12.35 6.91 -2.81
C LYS A 136 13.49 6.79 -1.82
N PHE A 137 14.69 6.45 -2.31
CA PHE A 137 15.87 6.34 -1.44
C PHE A 137 16.10 7.66 -0.70
N ALA A 138 16.03 8.78 -1.44
CA ALA A 138 16.25 10.10 -0.83
C ALA A 138 15.23 10.45 0.25
N VAL A 139 13.96 10.16 0.01
CA VAL A 139 12.91 10.43 1.00
C VAL A 139 13.15 9.61 2.26
N LEU A 140 13.54 8.34 2.10
CA LEU A 140 13.85 7.52 3.23
C LEU A 140 15.00 8.07 4.05
N LYS A 141 16.08 8.52 3.39
N LYS A 141 16.10 8.46 3.39
CA LYS A 141 17.18 9.10 4.13
CA LYS A 141 17.27 9.00 4.08
C LYS A 141 16.75 10.41 4.84
C LYS A 141 16.88 10.21 4.96
N GLU A 142 15.86 11.20 4.24
N GLU A 142 16.09 11.12 4.38
CA GLU A 142 15.39 12.42 4.88
CA GLU A 142 15.66 12.33 5.09
C GLU A 142 14.63 12.12 6.19
C GLU A 142 14.87 11.97 6.35
N GLN A 143 14.04 10.92 6.28
CA GLN A 143 13.30 10.47 7.45
C GLN A 143 14.11 9.63 8.42
N GLY A 144 15.38 9.41 8.13
CA GLY A 144 16.22 8.59 9.00
C GLY A 144 15.90 7.10 8.93
N LEU A 145 15.26 6.64 7.85
CA LEU A 145 14.95 5.24 7.65
C LEU A 145 16.09 4.62 6.82
N THR A 146 16.15 3.30 6.84
CA THR A 146 17.20 2.56 6.18
C THR A 146 16.69 1.96 4.87
N PRO A 147 17.10 2.50 3.71
CA PRO A 147 16.70 1.87 2.49
C PRO A 147 17.32 0.49 2.32
N VAL A 148 16.52 -0.45 1.78
CA VAL A 148 17.04 -1.75 1.34
C VAL A 148 16.83 -1.67 -0.16
N LEU A 149 17.88 -1.21 -0.84
CA LEU A 149 17.84 -0.98 -2.27
C LEU A 149 18.07 -2.25 -3.05
N CYS A 150 17.04 -2.73 -3.74
CA CYS A 150 17.14 -3.93 -4.54
C CYS A 150 17.56 -3.60 -5.96
N ILE A 151 18.54 -4.35 -6.46
CA ILE A 151 19.08 -4.20 -7.80
C ILE A 151 19.27 -5.59 -8.38
N GLY A 152 19.38 -5.66 -9.70
CA GLY A 152 19.63 -6.96 -10.33
C GLY A 152 19.19 -7.01 -11.76
N GLU A 153 19.74 -7.98 -12.49
CA GLU A 153 19.50 -8.08 -13.93
C GLU A 153 18.59 -9.23 -14.34
N THR A 154 17.83 -9.00 -15.41
CA THR A 154 16.87 -9.97 -15.93
C THR A 154 17.57 -11.08 -16.69
N GLU A 155 16.76 -12.07 -17.10
CA GLU A 155 17.27 -13.14 -17.94
C GLU A 155 17.92 -12.61 -19.23
N ALA A 156 17.25 -11.69 -19.92
CA ALA A 156 17.78 -11.15 -21.17
C ALA A 156 19.07 -10.38 -20.91
N GLU A 157 19.10 -9.61 -19.82
CA GLU A 157 20.30 -8.84 -19.51
C GLU A 157 21.48 -9.73 -19.15
N ASN A 158 21.22 -10.81 -18.41
CA ASN A 158 22.27 -11.75 -18.04
C ASN A 158 22.82 -12.44 -19.28
N GLU A 159 21.91 -12.91 -20.14
CA GLU A 159 22.31 -13.58 -21.39
C GLU A 159 23.17 -12.67 -22.28
N ALA A 160 22.89 -11.38 -22.22
CA ALA A 160 23.61 -10.40 -23.02
C ALA A 160 24.92 -9.94 -22.40
N GLY A 161 25.29 -10.47 -21.23
CA GLY A 161 26.55 -10.12 -20.56
C GLY A 161 26.51 -8.74 -19.89
N LYS A 162 25.31 -8.29 -19.51
CA LYS A 162 25.15 -6.93 -18.96
C LYS A 162 24.96 -6.85 -17.44
N THR A 163 25.28 -7.91 -16.71
CA THR A 163 25.14 -7.91 -15.25
C THR A 163 25.77 -6.68 -14.63
N GLU A 164 27.04 -6.43 -14.93
CA GLU A 164 27.72 -5.29 -14.33
C GLU A 164 27.13 -3.95 -14.77
N GLU A 165 26.86 -3.79 -16.06
CA GLU A 165 26.26 -2.55 -16.58
C GLU A 165 24.92 -2.23 -15.91
N VAL A 166 24.07 -3.25 -15.72
CA VAL A 166 22.77 -3.06 -15.12
C VAL A 166 22.91 -2.69 -13.64
N CYS A 167 23.72 -3.45 -12.91
CA CYS A 167 23.88 -3.15 -11.49
C CYS A 167 24.45 -1.74 -11.32
N ALA A 168 25.44 -1.39 -12.13
CA ALA A 168 26.03 -0.04 -12.07
C ALA A 168 25.00 1.03 -12.34
N ARG A 169 24.16 0.83 -13.35
CA ARG A 169 23.15 1.82 -13.67
C ARG A 169 22.15 2.00 -12.52
N GLN A 170 21.71 0.89 -11.96
CA GLN A 170 20.71 0.96 -10.86
C GLN A 170 21.29 1.63 -9.61
N ILE A 171 22.57 1.39 -9.33
N ILE A 171 22.56 1.39 -9.32
CA ILE A 171 23.23 2.01 -8.20
CA ILE A 171 23.25 2.01 -8.19
C ILE A 171 23.48 3.48 -8.52
C ILE A 171 23.56 3.47 -8.50
N ASP A 172 23.92 3.77 -9.74
CA ASP A 172 24.24 5.16 -10.13
C ASP A 172 23.05 6.11 -10.05
N ALA A 173 21.83 5.58 -10.14
CA ALA A 173 20.66 6.43 -10.00
C ALA A 173 20.73 7.18 -8.66
N VAL A 174 21.29 6.51 -7.64
CA VAL A 174 21.47 7.11 -6.32
C VAL A 174 22.86 7.78 -6.23
N LEU A 175 23.91 7.04 -6.58
CA LEU A 175 25.26 7.53 -6.44
C LEU A 175 25.55 8.84 -7.17
N LYS A 176 25.02 8.98 -8.39
CA LYS A 176 25.28 10.17 -9.21
C LYS A 176 24.35 11.33 -8.94
N THR A 177 23.37 11.15 -8.03
CA THR A 177 22.47 12.24 -7.66
C THR A 177 22.57 12.64 -6.19
N GLN A 178 22.99 11.70 -5.34
CA GLN A 178 23.02 11.88 -3.89
C GLN A 178 24.40 11.61 -3.29
N GLY A 179 25.33 11.13 -4.11
CA GLY A 179 26.71 10.86 -3.67
C GLY A 179 26.86 9.55 -2.93
N ALA A 180 28.10 9.14 -2.72
CA ALA A 180 28.33 7.91 -1.96
C ALA A 180 27.87 8.03 -0.51
N ALA A 181 27.86 9.23 0.04
CA ALA A 181 27.43 9.42 1.42
C ALA A 181 26.01 8.94 1.63
N ALA A 182 25.20 8.92 0.58
CA ALA A 182 23.83 8.40 0.70
C ALA A 182 23.83 6.96 1.15
N PHE A 183 24.89 6.20 0.85
CA PHE A 183 24.97 4.78 1.25
C PHE A 183 25.40 4.51 2.68
N GLU A 184 25.73 5.56 3.42
N GLU A 184 25.74 5.54 3.45
CA GLU A 184 25.92 5.43 4.85
CA GLU A 184 26.08 5.35 4.87
C GLU A 184 24.50 5.14 5.40
C GLU A 184 24.91 4.69 5.62
N GLY A 185 24.34 4.10 6.22
N GLY A 185 25.16 3.54 6.23
CA GLY A 185 22.99 3.80 6.75
CA GLY A 185 24.14 2.82 6.97
C GLY A 185 22.03 3.22 5.73
C GLY A 185 23.07 2.23 6.10
N ALA A 186 22.58 2.54 4.72
N ALA A 186 23.25 2.25 4.79
CA ALA A 186 21.77 1.90 3.70
CA ALA A 186 22.23 1.72 3.87
C ALA A 186 22.33 0.51 3.35
C ALA A 186 22.43 0.26 3.55
N VAL A 187 21.40 -0.36 2.95
CA VAL A 187 21.56 -1.74 2.54
C VAL A 187 21.27 -1.89 1.04
N ILE A 188 22.03 -2.75 0.36
CA ILE A 188 21.77 -3.10 -1.03
C ILE A 188 21.45 -4.59 -1.03
N ALA A 189 20.46 -5.01 -1.79
CA ALA A 189 20.14 -6.43 -1.98
C ALA A 189 20.25 -6.77 -3.46
N TYR A 190 21.13 -7.70 -3.80
CA TYR A 190 21.35 -8.11 -5.18
C TYR A 190 20.41 -9.27 -5.52
N GLU A 191 19.54 -9.05 -6.51
N GLU A 191 19.57 -9.06 -6.53
CA GLU A 191 18.62 -10.07 -7.00
CA GLU A 191 18.60 -10.05 -6.99
C GLU A 191 19.05 -10.57 -8.37
C GLU A 191 18.95 -10.58 -8.39
N PRO A 192 19.39 -11.86 -8.49
CA PRO A 192 19.66 -12.44 -9.81
C PRO A 192 18.28 -12.77 -10.42
N VAL A 193 17.63 -11.77 -11.00
CA VAL A 193 16.26 -11.92 -11.53
C VAL A 193 16.23 -13.02 -12.60
N TRP A 194 17.35 -13.19 -13.30
CA TRP A 194 17.50 -14.21 -14.34
C TRP A 194 17.33 -15.65 -13.79
N ALA A 195 17.42 -15.81 -12.47
CA ALA A 195 17.25 -17.11 -11.82
C ALA A 195 15.79 -17.37 -11.39
N ILE A 196 14.88 -16.43 -11.63
CA ILE A 196 13.46 -16.59 -11.23
C ILE A 196 12.60 -17.21 -12.35
N GLY A 197 12.08 -18.40 -12.07
CA GLY A 197 11.22 -19.14 -13.00
C GLY A 197 11.87 -19.58 -14.30
N THR A 198 13.18 -19.83 -14.19
N THR A 198 13.20 -19.60 -14.35
CA THR A 198 14.00 -20.32 -15.28
CA THR A 198 13.91 -19.90 -15.62
C THR A 198 14.56 -21.69 -14.83
C THR A 198 14.63 -21.23 -15.63
N GLY A 199 14.28 -22.06 -13.59
N GLY A 199 14.67 -21.90 -14.49
CA GLY A 199 14.73 -23.34 -13.02
CA GLY A 199 15.37 -23.16 -14.36
C GLY A 199 16.22 -23.37 -12.77
C GLY A 199 16.84 -22.92 -14.07
N LYS A 200 16.81 -22.20 -12.58
N LYS A 200 17.25 -21.65 -14.12
CA LYS A 200 18.24 -22.05 -12.39
CA LYS A 200 18.63 -21.27 -13.86
C LYS A 200 18.55 -21.32 -11.10
C LYS A 200 18.78 -20.81 -12.42
N SER A 201 19.80 -21.39 -10.65
N SER A 201 20.00 -20.87 -11.90
CA SER A 201 20.22 -20.63 -9.47
CA SER A 201 20.25 -20.45 -10.53
C SER A 201 21.65 -20.19 -9.61
C SER A 201 21.69 -20.00 -10.37
N ALA A 202 21.95 -19.00 -9.08
N ALA A 202 21.94 -19.06 -9.46
CA ALA A 202 23.30 -18.50 -9.11
CA ALA A 202 23.29 -18.57 -9.23
C ALA A 202 24.10 -19.33 -8.13
C ALA A 202 24.05 -19.43 -8.23
N THR A 203 25.35 -19.61 -8.47
CA THR A 203 26.21 -20.32 -7.54
C THR A 203 26.73 -19.29 -6.52
N PRO A 204 27.22 -19.76 -5.37
CA PRO A 204 27.81 -18.80 -4.42
C PRO A 204 28.97 -17.99 -5.04
N ALA A 205 29.76 -18.62 -5.91
CA ALA A 205 30.87 -17.92 -6.56
C ALA A 205 30.36 -16.81 -7.48
N GLN A 206 29.29 -17.08 -8.22
CA GLN A 206 28.71 -16.08 -9.10
C GLN A 206 28.15 -14.93 -8.27
N ALA A 207 27.45 -15.25 -7.18
CA ALA A 207 26.90 -14.20 -6.31
C ALA A 207 28.04 -13.34 -5.77
N GLN A 208 29.10 -13.99 -5.28
CA GLN A 208 30.24 -13.28 -4.71
C GLN A 208 30.87 -12.32 -5.74
N ALA A 209 31.00 -12.75 -6.99
CA ALA A 209 31.59 -11.90 -8.03
C ALA A 209 30.74 -10.64 -8.24
N VAL A 210 29.43 -10.79 -8.18
CA VAL A 210 28.55 -9.62 -8.33
C VAL A 210 28.66 -8.70 -7.12
N HIS A 211 28.62 -9.26 -5.92
CA HIS A 211 28.73 -8.45 -4.71
C HIS A 211 30.05 -7.67 -4.68
N LYS A 212 31.14 -8.31 -5.09
N LYS A 212 31.12 -8.33 -5.10
CA LYS A 212 32.42 -7.61 -5.09
CA LYS A 212 32.43 -7.68 -5.15
C LYS A 212 32.40 -6.50 -6.14
C LYS A 212 32.40 -6.52 -6.14
N PHE A 213 31.76 -6.75 -7.29
CA PHE A 213 31.62 -5.69 -8.30
C PHE A 213 30.83 -4.48 -7.74
N ILE A 214 29.71 -4.74 -7.08
CA ILE A 214 28.90 -3.67 -6.50
C ILE A 214 29.75 -2.87 -5.50
N ARG A 215 30.44 -3.56 -4.62
CA ARG A 215 31.25 -2.88 -3.59
C ARG A 215 32.38 -2.07 -4.24
N ASP A 216 33.04 -2.65 -5.24
CA ASP A 216 34.12 -1.96 -5.93
C ASP A 216 33.58 -0.73 -6.68
N HIS A 217 32.36 -0.82 -7.17
CA HIS A 217 31.76 0.28 -7.92
C HIS A 217 31.57 1.50 -7.00
N ILE A 218 31.03 1.26 -5.80
CA ILE A 218 30.85 2.33 -4.84
C ILE A 218 32.22 2.82 -4.36
N ALA A 219 33.19 1.91 -4.27
CA ALA A 219 34.53 2.28 -3.77
C ALA A 219 35.25 3.27 -4.68
N LYS A 220 34.91 3.27 -5.97
CA LYS A 220 35.48 4.23 -6.93
C LYS A 220 35.14 5.66 -6.50
N VAL A 221 34.00 5.81 -5.84
CA VAL A 221 33.54 7.11 -5.33
C VAL A 221 33.99 7.38 -3.88
N ASP A 222 33.88 6.37 -3.01
CA ASP A 222 34.30 6.50 -1.60
C ASP A 222 34.56 5.10 -1.04
N ALA A 223 35.84 4.78 -0.88
CA ALA A 223 36.25 3.47 -0.42
C ALA A 223 35.77 3.15 0.99
N ASN A 224 35.73 4.17 1.85
N ASN A 224 35.72 4.15 1.88
CA ASN A 224 35.29 4.01 3.22
CA ASN A 224 35.27 3.92 3.26
C ASN A 224 33.84 3.58 3.25
C ASN A 224 33.79 3.64 3.35
N ILE A 225 32.99 4.31 2.52
CA ILE A 225 31.56 4.01 2.46
C ILE A 225 31.37 2.59 1.89
N ALA A 226 32.13 2.21 0.87
CA ALA A 226 31.99 0.88 0.26
C ALA A 226 32.29 -0.22 1.28
N GLU A 227 33.30 -0.01 2.13
N GLU A 227 33.30 0.02 2.12
CA GLU A 227 33.65 -1.02 3.11
CA GLU A 227 33.71 -0.93 3.16
C GLU A 227 32.52 -1.27 4.12
C GLU A 227 32.64 -1.20 4.22
N GLN A 228 31.71 -0.25 4.42
CA GLN A 228 30.64 -0.40 5.43
C GLN A 228 29.27 -0.73 4.90
N VAL A 229 29.07 -0.69 3.58
N VAL A 229 29.07 -0.69 3.59
CA VAL A 229 27.74 -0.98 3.03
CA VAL A 229 27.73 -0.93 3.10
C VAL A 229 27.39 -2.45 3.23
C VAL A 229 27.37 -2.42 3.17
N ILE A 230 26.18 -2.72 3.69
CA ILE A 230 25.71 -4.08 3.83
C ILE A 230 25.13 -4.48 2.48
N ILE A 231 25.73 -5.51 1.88
CA ILE A 231 25.26 -6.02 0.60
C ILE A 231 24.70 -7.45 0.80
N GLN A 232 23.37 -7.53 0.80
CA GLN A 232 22.67 -8.77 0.99
C GLN A 232 22.44 -9.51 -0.31
N TYR A 233 22.48 -10.84 -0.26
CA TYR A 233 22.08 -11.65 -1.39
C TYR A 233 20.57 -11.76 -1.38
N GLY A 234 19.94 -11.51 -2.53
CA GLY A 234 18.46 -11.49 -2.68
C GLY A 234 17.91 -12.53 -3.63
N GLY A 235 18.75 -13.48 -4.03
CA GLY A 235 18.27 -14.64 -4.73
C GLY A 235 17.65 -15.59 -3.72
N SER A 236 17.31 -16.80 -4.14
CA SER A 236 16.66 -17.75 -3.24
C SER A 236 17.62 -18.25 -2.20
N VAL A 237 17.29 -18.03 -0.94
CA VAL A 237 18.06 -18.47 0.20
C VAL A 237 17.21 -19.41 1.05
N ASN A 238 17.81 -20.57 1.32
N ASN A 238 17.82 -20.49 1.51
CA ASN A 238 17.16 -21.63 2.05
CA ASN A 238 17.13 -21.45 2.39
C ASN A 238 18.08 -22.20 3.11
C ASN A 238 18.20 -22.15 3.22
N ALA A 239 17.45 -22.79 4.15
N ALA A 239 18.04 -23.47 3.50
CA ALA A 239 18.18 -23.40 5.25
CA ALA A 239 18.99 -24.20 4.37
C ALA A 239 19.30 -24.25 4.73
C ALA A 239 20.18 -24.83 3.67
N SER A 240 19.06 -24.87 3.59
N SER A 240 20.01 -25.22 2.42
CA SER A 240 20.08 -25.71 2.97
CA SER A 240 21.05 -25.90 1.68
C SER A 240 21.24 -24.90 2.41
C SER A 240 22.14 -24.95 1.13
N ASN A 241 20.97 -23.83 1.66
N ASN A 241 21.79 -23.68 0.88
CA ASN A 241 22.07 -23.15 1.00
CA ASN A 241 22.77 -22.73 0.32
C ASN A 241 22.67 -21.91 1.67
C ASN A 241 23.21 -21.62 1.27
N ALA A 242 22.20 -21.55 2.85
N ALA A 242 22.52 -21.47 2.39
CA ALA A 242 22.70 -20.30 3.46
CA ALA A 242 22.80 -20.36 3.30
C ALA A 242 24.20 -20.31 3.82
C ALA A 242 24.24 -20.33 3.74
N ALA A 243 24.72 -21.42 4.31
CA ALA A 243 26.09 -21.46 4.75
C ALA A 243 27.08 -21.16 3.63
N GLU A 244 26.85 -21.77 2.46
N GLU A 244 26.90 -21.78 2.46
CA GLU A 244 27.74 -21.61 1.31
CA GLU A 244 27.81 -21.54 1.35
C GLU A 244 27.72 -20.18 0.74
C GLU A 244 27.78 -20.08 0.90
N LEU A 245 26.59 -19.49 0.86
CA LEU A 245 26.49 -18.11 0.45
C LEU A 245 27.21 -17.19 1.46
N PHE A 246 26.97 -17.40 2.76
CA PHE A 246 27.53 -16.52 3.78
C PHE A 246 29.04 -16.70 4.00
N ALA A 247 29.60 -17.78 3.47
CA ALA A 247 31.04 -17.99 3.51
C ALA A 247 31.75 -17.01 2.56
N GLN A 248 31.01 -16.40 1.64
CA GLN A 248 31.62 -15.48 0.66
C GLN A 248 31.88 -14.12 1.33
N PRO A 249 33.07 -13.54 1.09
CA PRO A 249 33.48 -12.33 1.80
C PRO A 249 32.66 -11.06 1.56
N ASP A 250 32.03 -10.93 0.41
CA ASP A 250 31.26 -9.70 0.13
C ASP A 250 29.77 -9.89 0.23
N ILE A 251 29.33 -11.05 0.74
CA ILE A 251 27.92 -11.33 0.99
C ILE A 251 27.70 -11.12 2.50
N ASP A 252 26.88 -10.11 2.84
CA ASP A 252 26.71 -9.68 4.24
C ASP A 252 25.41 -10.08 4.88
N GLY A 253 24.70 -10.99 4.26
CA GLY A 253 23.40 -11.42 4.73
C GLY A 253 22.50 -11.72 3.56
N ALA A 254 21.20 -11.69 3.82
CA ALA A 254 20.25 -12.08 2.82
C ALA A 254 18.91 -11.39 3.00
N LEU A 255 18.27 -11.10 1.89
CA LEU A 255 16.87 -10.66 1.84
C LEU A 255 16.11 -11.92 1.40
N VAL A 256 15.48 -12.57 2.36
CA VAL A 256 14.88 -13.87 2.23
C VAL A 256 13.42 -13.81 1.88
N GLY A 257 12.98 -14.62 0.95
CA GLY A 257 11.59 -14.67 0.53
C GLY A 257 10.82 -15.78 1.20
N GLY A 258 10.56 -16.86 0.49
CA GLY A 258 9.74 -17.94 1.02
C GLY A 258 10.11 -18.50 2.38
N ALA A 259 11.41 -18.70 2.63
CA ALA A 259 11.84 -19.25 3.92
C ALA A 259 11.57 -18.33 5.07
N SER A 260 11.26 -17.07 4.79
CA SER A 260 10.97 -16.15 5.87
C SER A 260 9.59 -16.40 6.50
N LEU A 261 8.76 -17.22 5.87
CA LEU A 261 7.43 -17.50 6.37
C LEU A 261 7.38 -18.67 7.35
N LYS A 262 8.51 -19.32 7.57
CA LYS A 262 8.61 -20.42 8.54
C LYS A 262 9.75 -20.08 9.50
N ALA A 263 9.42 -19.90 10.77
CA ALA A 263 10.40 -19.47 11.73
C ALA A 263 11.59 -20.41 11.84
N ASP A 264 11.36 -21.71 11.79
CA ASP A 264 12.47 -22.66 11.90
C ASP A 264 13.48 -22.51 10.75
N ALA A 265 12.97 -22.42 9.54
CA ALA A 265 13.84 -22.27 8.38
C ALA A 265 14.57 -20.92 8.41
N PHE A 266 13.85 -19.86 8.71
CA PHE A 266 14.44 -18.55 8.76
C PHE A 266 15.55 -18.50 9.81
N ALA A 267 15.31 -19.12 10.97
CA ALA A 267 16.33 -19.12 12.03
C ALA A 267 17.61 -19.88 11.63
N VAL A 268 17.47 -20.95 10.85
CA VAL A 268 18.65 -21.66 10.37
C VAL A 268 19.49 -20.67 9.54
N ILE A 269 18.85 -19.90 8.69
CA ILE A 269 19.55 -18.91 7.85
C ILE A 269 20.26 -17.85 8.71
N VAL A 270 19.52 -17.29 9.68
CA VAL A 270 20.10 -16.30 10.58
C VAL A 270 21.33 -16.85 11.29
N LYS A 271 21.19 -18.05 11.85
CA LYS A 271 22.29 -18.68 12.55
C LYS A 271 23.48 -18.96 11.63
N ALA A 272 23.22 -19.29 10.36
CA ALA A 272 24.31 -19.52 9.41
C ALA A 272 25.08 -18.22 9.16
N ALA A 273 24.38 -17.09 9.10
CA ALA A 273 25.04 -15.81 8.90
C ALA A 273 25.87 -15.45 10.13
N GLU A 274 25.29 -15.67 11.31
CA GLU A 274 25.98 -15.41 12.55
C GLU A 274 27.30 -16.21 12.62
N ALA A 275 27.21 -17.49 12.32
CA ALA A 275 28.36 -18.39 12.39
C ALA A 275 29.43 -18.03 11.35
N ALA A 276 29.01 -17.63 10.16
CA ALA A 276 29.97 -17.31 9.11
C ALA A 276 30.76 -16.07 9.39
N LYS A 277 30.13 -15.09 10.04
CA LYS A 277 30.77 -13.79 10.23
C LYS A 277 31.34 -13.59 11.63
N GLN A 278 31.17 -14.61 12.46
CA GLN A 278 31.59 -14.59 13.86
C GLN A 278 33.09 -14.47 13.96
N ALA A 279 33.55 -13.71 14.97
CA ALA A 279 34.98 -13.50 15.21
C ALA A 279 35.77 -14.82 15.19
N MET B 25 -36.19 3.15 -0.49
CA MET B 25 -35.54 4.07 0.49
C MET B 25 -34.16 3.53 0.87
N ARG B 26 -33.14 4.21 0.39
CA ARG B 26 -31.76 3.81 0.61
C ARG B 26 -31.20 4.46 1.87
N HIS B 27 -30.53 3.68 2.71
CA HIS B 27 -29.91 4.18 3.95
C HIS B 27 -28.62 4.89 3.54
N PRO B 28 -28.48 6.17 3.91
CA PRO B 28 -27.31 6.94 3.46
C PRO B 28 -25.99 6.49 4.08
N LEU B 29 -24.91 6.76 3.35
CA LEU B 29 -23.57 6.44 3.76
C LEU B 29 -22.66 7.64 3.55
N VAL B 30 -22.00 8.07 4.61
CA VAL B 30 -21.01 9.12 4.50
C VAL B 30 -19.67 8.48 4.88
N MET B 31 -18.72 8.56 3.96
CA MET B 31 -17.43 7.94 4.12
C MET B 31 -16.32 8.96 4.07
N GLY B 32 -15.38 8.87 4.99
CA GLY B 32 -14.23 9.76 5.06
C GLY B 32 -13.02 9.15 4.42
N ASN B 33 -12.59 9.71 3.32
CA ASN B 33 -11.33 9.35 2.66
C ASN B 33 -10.23 10.24 3.24
N TRP B 34 -9.44 9.69 4.17
CA TRP B 34 -8.40 10.48 4.81
C TRP B 34 -7.25 10.80 3.87
N LYS B 35 -7.17 10.14 2.73
CA LYS B 35 -6.05 10.29 1.81
C LYS B 35 -4.75 10.07 2.58
N LEU B 36 -3.68 10.77 2.21
CA LEU B 36 -2.36 10.51 2.81
C LEU B 36 -2.18 11.39 4.04
N ASN B 37 -2.94 11.10 5.06
CA ASN B 37 -2.94 11.86 6.31
C ASN B 37 -3.21 10.89 7.44
N GLY B 38 -2.33 10.90 8.43
CA GLY B 38 -2.47 10.01 9.58
C GLY B 38 -1.16 9.87 10.34
N SER B 39 -1.31 9.51 11.61
CA SER B 39 -0.21 9.16 12.53
C SER B 39 -0.88 8.45 13.71
N ARG B 40 -0.10 7.78 14.54
N ARG B 40 -0.13 7.75 14.55
CA ARG B 40 -0.64 7.12 15.73
CA ARG B 40 -0.75 7.12 15.71
C ARG B 40 -1.40 8.15 16.58
C ARG B 40 -1.45 8.19 16.57
N HIS B 41 -0.81 9.31 16.77
CA HIS B 41 -1.41 10.40 17.58
C HIS B 41 -2.73 10.88 16.96
N MET B 42 -2.70 11.11 15.64
N MET B 42 -2.71 11.15 15.65
CA MET B 42 -3.84 11.63 14.93
CA MET B 42 -3.91 11.64 14.98
C MET B 42 -5.01 10.65 14.90
C MET B 42 -5.03 10.62 14.99
N VAL B 43 -4.70 9.36 14.72
CA VAL B 43 -5.74 8.33 14.66
C VAL B 43 -6.45 8.25 16.01
N HIS B 44 -5.70 8.25 17.09
CA HIS B 44 -6.34 8.19 18.40
C HIS B 44 -7.25 9.38 18.63
N GLU B 45 -6.76 10.58 18.33
CA GLU B 45 -7.52 11.79 18.57
C GLU B 45 -8.76 11.87 17.69
N LEU B 46 -8.59 11.64 16.39
CA LEU B 46 -9.65 11.81 15.43
C LEU B 46 -10.75 10.76 15.62
N VAL B 47 -10.39 9.50 15.82
CA VAL B 47 -11.42 8.49 16.07
C VAL B 47 -12.18 8.77 17.37
N SER B 48 -11.45 9.18 18.41
N SER B 48 -11.47 9.16 18.43
N SER B 48 -11.47 9.16 18.43
CA SER B 48 -12.07 9.50 19.70
CA SER B 48 -12.13 9.48 19.69
CA SER B 48 -12.15 9.45 19.69
C SER B 48 -13.06 10.67 19.54
C SER B 48 -13.09 10.66 19.49
C SER B 48 -13.07 10.69 19.54
N ASN B 49 -12.61 11.71 18.83
CA ASN B 49 -13.47 12.91 18.59
C ASN B 49 -14.65 12.58 17.69
N LEU B 50 -14.45 11.73 16.69
CA LEU B 50 -15.57 11.28 15.82
C LEU B 50 -16.64 10.56 16.66
N ARG B 51 -16.24 9.66 17.56
N ARG B 51 -16.21 9.68 17.57
CA ARG B 51 -17.22 8.97 18.38
CA ARG B 51 -17.14 8.94 18.46
C ARG B 51 -18.06 10.00 19.13
C ARG B 51 -18.01 9.91 19.26
N LYS B 52 -17.41 10.96 19.79
CA LYS B 52 -18.11 11.97 20.54
C LYS B 52 -19.05 12.83 19.68
N GLU B 53 -18.56 13.29 18.53
CA GLU B 53 -19.36 14.14 17.65
C GLU B 53 -20.54 13.41 16.99
N LEU B 54 -20.40 12.10 16.85
CA LEU B 54 -21.43 11.27 16.21
C LEU B 54 -22.41 10.67 17.20
N ALA B 55 -22.29 11.00 18.47
CA ALA B 55 -23.20 10.48 19.49
C ALA B 55 -24.63 10.77 19.09
N GLY B 56 -25.47 9.73 19.13
CA GLY B 56 -26.89 9.87 18.80
C GLY B 56 -27.27 9.67 17.35
N VAL B 57 -26.29 9.64 16.44
CA VAL B 57 -26.60 9.43 15.02
C VAL B 57 -27.01 7.97 14.82
N ALA B 58 -28.16 7.76 14.21
CA ALA B 58 -28.66 6.40 13.94
C ALA B 58 -29.11 6.24 12.50
N GLY B 59 -29.34 7.33 11.80
CA GLY B 59 -29.88 7.28 10.45
C GLY B 59 -28.96 7.53 9.27
N CYS B 60 -27.66 7.43 9.52
CA CYS B 60 -26.66 7.53 8.46
C CYS B 60 -25.50 6.65 8.84
N ALA B 61 -25.11 5.76 7.94
CA ALA B 61 -23.95 4.91 8.14
C ALA B 61 -22.70 5.72 7.93
N VAL B 62 -21.66 5.35 8.66
CA VAL B 62 -20.39 6.07 8.64
C VAL B 62 -19.23 5.13 8.45
N ALA B 63 -18.34 5.45 7.53
CA ALA B 63 -17.12 4.66 7.33
C ALA B 63 -15.95 5.62 7.20
N ILE B 64 -14.76 5.13 7.52
CA ILE B 64 -13.51 5.90 7.38
C ILE B 64 -12.47 5.02 6.71
N ALA B 65 -11.61 5.65 5.92
CA ALA B 65 -10.49 5.00 5.24
C ALA B 65 -9.18 5.70 5.56
N PRO B 66 -8.52 5.30 6.67
CA PRO B 66 -7.20 5.83 6.96
C PRO B 66 -6.15 5.22 6.02
N PRO B 67 -4.93 5.77 6.02
CA PRO B 67 -3.82 5.09 5.34
C PRO B 67 -3.76 3.63 5.84
N GLU B 68 -3.32 2.74 4.96
CA GLU B 68 -3.42 1.31 5.20
C GLU B 68 -2.72 0.85 6.48
N MET B 69 -1.57 1.41 6.82
N MET B 69 -1.58 1.41 6.83
CA MET B 69 -0.88 0.96 8.04
CA MET B 69 -0.88 0.95 8.02
C MET B 69 -1.66 1.27 9.31
C MET B 69 -1.60 1.34 9.32
N TYR B 70 -2.66 2.14 9.23
CA TYR B 70 -3.43 2.57 10.43
C TYR B 70 -4.82 1.94 10.52
N ILE B 71 -5.22 1.13 9.53
CA ILE B 71 -6.56 0.51 9.57
C ILE B 71 -6.78 -0.31 10.84
N ASP B 72 -5.82 -1.15 11.19
CA ASP B 72 -5.92 -2.00 12.38
C ASP B 72 -6.12 -1.15 13.63
N MET B 73 -5.26 -0.17 13.84
CA MET B 73 -5.35 0.74 15.00
C MET B 73 -6.69 1.47 15.01
N ALA B 74 -7.13 1.94 13.86
CA ALA B 74 -8.39 2.69 13.79
C ALA B 74 -9.57 1.78 14.11
N LYS B 75 -9.56 0.56 13.62
CA LYS B 75 -10.63 -0.43 13.91
C LYS B 75 -10.72 -0.65 15.42
N ARG B 76 -9.57 -0.90 16.03
N ARG B 76 -9.58 -0.69 16.13
CA ARG B 76 -9.54 -1.17 17.44
CA ARG B 76 -9.66 -0.84 17.60
C ARG B 76 -9.98 0.06 18.24
C ARG B 76 -10.11 0.44 18.29
N GLU B 77 -9.59 1.25 17.81
N GLU B 77 -9.58 1.59 17.87
CA GLU B 77 -10.01 2.51 18.49
CA GLU B 77 -10.03 2.87 18.43
C GLU B 77 -11.54 2.78 18.33
C GLU B 77 -11.54 3.08 18.21
N ALA B 78 -12.09 2.41 17.18
CA ALA B 78 -13.52 2.56 16.85
C ALA B 78 -14.42 1.60 17.63
N GLU B 79 -13.83 0.66 18.37
CA GLU B 79 -14.65 -0.25 19.18
C GLU B 79 -15.49 0.57 20.16
N GLY B 80 -16.77 0.27 20.21
CA GLY B 80 -17.69 1.02 21.06
C GLY B 80 -18.45 2.12 20.31
N SER B 81 -18.05 2.39 19.07
CA SER B 81 -18.71 3.37 18.22
C SER B 81 -19.39 2.63 17.07
N HIS B 82 -20.06 3.38 16.22
CA HIS B 82 -20.70 2.84 15.01
C HIS B 82 -19.86 3.08 13.76
N ILE B 83 -18.64 3.57 13.93
CA ILE B 83 -17.75 3.88 12.83
C ILE B 83 -17.22 2.61 12.19
N MET B 84 -17.45 2.43 10.89
CA MET B 84 -16.97 1.27 10.10
C MET B 84 -15.67 1.63 9.41
N LEU B 85 -14.85 0.62 9.14
CA LEU B 85 -13.56 0.80 8.51
C LEU B 85 -13.58 0.52 7.03
N GLY B 86 -12.52 0.97 6.40
CA GLY B 86 -12.37 0.90 4.98
C GLY B 86 -10.94 1.16 4.61
N ALA B 87 -10.68 1.20 3.32
CA ALA B 87 -9.34 1.39 2.78
C ALA B 87 -9.39 2.19 1.49
N GLN B 88 -8.21 2.68 1.06
CA GLN B 88 -8.10 3.58 -0.08
C GLN B 88 -7.80 2.95 -1.42
N ASN B 89 -7.48 1.67 -1.43
CA ASN B 89 -7.12 0.94 -2.66
C ASN B 89 -6.93 -0.53 -2.34
N VAL B 90 -6.88 -1.33 -3.40
CA VAL B 90 -6.57 -2.76 -3.28
C VAL B 90 -5.91 -3.17 -4.58
N ASP B 91 -5.12 -4.26 -4.54
CA ASP B 91 -4.50 -4.85 -5.73
C ASP B 91 -5.24 -6.13 -6.11
N LEU B 92 -4.74 -6.89 -7.09
CA LEU B 92 -5.49 -8.01 -7.62
C LEU B 92 -5.26 -9.38 -7.02
N ASN B 93 -4.18 -9.57 -6.30
CA ASN B 93 -3.84 -10.89 -5.79
C ASN B 93 -4.21 -11.05 -4.32
N LEU B 94 -4.55 -12.26 -3.90
CA LEU B 94 -4.88 -12.50 -2.49
C LEU B 94 -3.64 -12.80 -1.65
N SER B 95 -2.70 -13.50 -2.27
CA SER B 95 -1.42 -13.87 -1.64
C SER B 95 -0.41 -14.17 -2.73
N GLY B 96 0.85 -14.25 -2.33
CA GLY B 96 1.91 -14.68 -3.23
C GLY B 96 3.08 -13.74 -3.34
N ALA B 97 3.84 -13.91 -4.40
CA ALA B 97 5.10 -13.15 -4.60
C ALA B 97 4.86 -11.81 -5.27
N PHE B 98 4.25 -10.92 -4.49
CA PHE B 98 3.81 -9.61 -4.96
C PHE B 98 4.22 -8.53 -3.95
N THR B 99 5.52 -8.29 -3.87
CA THR B 99 6.07 -7.34 -2.91
C THR B 99 5.39 -5.98 -3.01
N GLY B 100 4.95 -5.45 -1.88
CA GLY B 100 4.36 -4.11 -1.81
C GLY B 100 2.91 -4.00 -2.14
N GLU B 101 2.25 -5.11 -2.51
CA GLU B 101 0.84 -5.02 -2.90
C GLU B 101 -0.10 -5.13 -1.71
N THR B 102 -1.36 -4.80 -1.94
CA THR B 102 -2.45 -4.85 -0.96
C THR B 102 -3.45 -5.94 -1.34
N SER B 103 -3.63 -6.91 -0.45
CA SER B 103 -4.55 -8.01 -0.66
C SER B 103 -5.94 -7.78 -0.08
N ALA B 104 -6.97 -8.07 -0.90
CA ALA B 104 -8.34 -7.99 -0.41
C ALA B 104 -8.61 -8.91 0.77
N ALA B 105 -7.98 -10.09 0.76
CA ALA B 105 -8.16 -11.03 1.89
C ALA B 105 -7.62 -10.45 3.19
N MET B 106 -6.53 -9.69 3.10
CA MET B 106 -5.93 -9.07 4.27
C MET B 106 -6.75 -7.86 4.76
N LEU B 107 -7.27 -7.07 3.82
CA LEU B 107 -8.18 -6.00 4.19
C LEU B 107 -9.39 -6.57 4.93
N LYS B 108 -9.94 -7.69 4.47
CA LYS B 108 -11.07 -8.31 5.16
C LYS B 108 -10.66 -8.78 6.56
N ASP B 109 -9.51 -9.41 6.64
CA ASP B 109 -8.98 -9.92 7.89
C ASP B 109 -8.77 -8.89 8.98
N ILE B 110 -8.42 -7.66 8.63
N ILE B 110 -8.38 -7.69 8.54
CA ILE B 110 -8.23 -6.65 9.70
CA ILE B 110 -8.08 -6.56 9.42
C ILE B 110 -9.49 -5.85 9.96
C ILE B 110 -9.37 -5.75 9.76
N GLY B 111 -10.53 -6.10 9.18
CA GLY B 111 -11.80 -5.47 9.46
C GLY B 111 -12.26 -4.33 8.59
N ALA B 112 -11.61 -4.09 7.45
N ALA B 112 -11.54 -4.09 7.50
CA ALA B 112 -12.04 -3.04 6.51
CA ALA B 112 -11.98 -3.09 6.57
C ALA B 112 -13.19 -3.53 5.62
C ALA B 112 -13.20 -3.69 5.87
N GLN B 113 -14.31 -2.80 5.61
N GLN B 113 -14.07 -2.82 5.39
CA GLN B 113 -15.49 -3.18 4.87
CA GLN B 113 -15.28 -3.28 4.69
C GLN B 113 -15.67 -2.47 3.54
C GLN B 113 -15.50 -2.48 3.40
N TYR B 114 -15.40 -1.15 3.49
CA TYR B 114 -15.63 -0.29 2.34
C TYR B 114 -14.34 0.08 1.68
N ILE B 115 -14.10 -0.41 0.47
CA ILE B 115 -12.80 -0.26 -0.17
C ILE B 115 -12.92 0.62 -1.40
N ILE B 116 -12.30 1.80 -1.32
CA ILE B 116 -12.26 2.77 -2.40
C ILE B 116 -11.40 2.23 -3.53
N ILE B 117 -11.94 2.24 -4.74
CA ILE B 117 -11.19 1.84 -5.92
C ILE B 117 -11.47 2.82 -7.05
N GLY B 118 -10.48 3.11 -7.87
CA GLY B 118 -10.65 4.00 -9.00
C GLY B 118 -10.74 5.47 -8.67
N HIS B 119 -10.28 5.86 -7.50
CA HIS B 119 -10.26 7.29 -7.16
C HIS B 119 -9.53 8.08 -8.25
N SER B 120 -10.00 9.28 -8.54
CA SER B 120 -9.37 10.14 -9.55
C SER B 120 -7.87 10.29 -9.36
N GLU B 121 -7.40 10.32 -8.10
CA GLU B 121 -5.97 10.48 -7.86
C GLU B 121 -5.23 9.26 -8.36
N ARG B 122 -5.83 8.09 -8.31
CA ARG B 122 -5.16 6.89 -8.80
C ARG B 122 -5.32 6.71 -10.31
N ARG B 123 -6.47 7.08 -10.87
CA ARG B 123 -6.64 7.01 -12.32
C ARG B 123 -5.64 7.94 -13.01
N THR B 124 -5.38 9.08 -12.41
N THR B 124 -5.35 9.08 -12.43
CA THR B 124 -4.48 10.07 -12.96
CA THR B 124 -4.44 10.06 -13.05
C THR B 124 -3.03 9.73 -12.59
C THR B 124 -2.98 9.92 -12.62
N TYR B 125 -2.68 9.89 -11.32
CA TYR B 125 -1.29 9.73 -10.88
C TYR B 125 -0.72 8.34 -11.07
N HIS B 126 -1.54 7.31 -11.01
CA HIS B 126 -1.06 5.95 -11.13
C HIS B 126 -1.53 5.23 -12.39
N LYS B 127 -2.13 6.00 -13.29
CA LYS B 127 -2.54 5.51 -14.61
C LYS B 127 -3.43 4.28 -14.53
N GLU B 128 -4.26 4.18 -13.50
CA GLU B 128 -5.12 3.01 -13.37
C GLU B 128 -6.22 3.01 -14.41
N SER B 129 -6.30 1.96 -15.22
CA SER B 129 -7.27 1.89 -16.30
C SER B 129 -8.64 1.42 -15.81
N ASP B 130 -9.68 1.67 -16.62
CA ASP B 130 -11.02 1.21 -16.32
C ASP B 130 -11.03 -0.30 -16.10
N GLU B 131 -10.28 -1.02 -16.94
CA GLU B 131 -10.24 -2.48 -16.85
C GLU B 131 -9.55 -2.99 -15.57
N LEU B 132 -8.46 -2.34 -15.19
CA LEU B 132 -7.79 -2.69 -13.93
C LEU B 132 -8.75 -2.46 -12.76
N ILE B 133 -9.43 -1.32 -12.75
CA ILE B 133 -10.33 -0.98 -11.66
C ILE B 133 -11.50 -2.00 -11.61
N ALA B 134 -12.00 -2.41 -12.78
CA ALA B 134 -13.03 -3.47 -12.80
C ALA B 134 -12.49 -4.80 -12.23
N LYS B 135 -11.22 -5.13 -12.51
N LYS B 135 -11.23 -5.14 -12.50
CA LYS B 135 -10.62 -6.34 -11.93
CA LYS B 135 -10.66 -6.37 -11.91
C LYS B 135 -10.61 -6.19 -10.39
C LYS B 135 -10.52 -6.25 -10.37
N LYS B 136 -10.21 -5.02 -9.89
N LYS B 136 -10.31 -5.03 -9.89
CA LYS B 136 -10.23 -4.76 -8.44
CA LYS B 136 -10.24 -4.82 -8.44
C LYS B 136 -11.64 -5.01 -7.90
C LYS B 136 -11.64 -4.95 -7.85
N PHE B 137 -12.64 -4.45 -8.57
CA PHE B 137 -14.03 -4.59 -8.15
C PHE B 137 -14.37 -6.09 -8.01
N ALA B 138 -13.99 -6.88 -9.01
CA ALA B 138 -14.29 -8.31 -8.98
C ALA B 138 -13.64 -9.03 -7.81
N VAL B 139 -12.38 -8.74 -7.49
N VAL B 139 -12.39 -8.69 -7.48
CA VAL B 139 -11.71 -9.41 -6.36
CA VAL B 139 -11.68 -9.36 -6.38
C VAL B 139 -12.44 -9.03 -5.07
C VAL B 139 -12.33 -8.99 -5.04
N LEU B 140 -12.85 -7.76 -4.95
CA LEU B 140 -13.55 -7.34 -3.74
C LEU B 140 -14.85 -8.09 -3.57
N LYS B 141 -15.55 -8.23 -4.68
N LYS B 141 -15.64 -8.20 -4.65
CA LYS B 141 -16.80 -8.93 -4.70
CA LYS B 141 -16.91 -8.93 -4.56
C LYS B 141 -16.64 -10.40 -4.30
C LYS B 141 -16.66 -10.38 -4.20
N GLU B 142 -15.55 -11.04 -4.76
N GLU B 142 -15.65 -11.00 -4.79
CA GLU B 142 -15.29 -12.45 -4.45
CA GLU B 142 -15.34 -12.39 -4.47
C GLU B 142 -14.94 -12.67 -2.97
C GLU B 142 -15.12 -12.57 -2.96
N GLN B 143 -14.38 -11.63 -2.35
CA GLN B 143 -14.06 -11.70 -0.93
C GLN B 143 -15.21 -11.29 -0.02
N GLY B 144 -16.27 -10.75 -0.58
CA GLY B 144 -17.41 -10.27 0.20
C GLY B 144 -17.17 -8.92 0.82
N LEU B 145 -16.35 -8.08 0.18
CA LEU B 145 -16.11 -6.70 0.64
C LEU B 145 -16.95 -5.77 -0.23
N THR B 146 -17.13 -4.53 0.23
CA THR B 146 -17.96 -3.57 -0.47
C THR B 146 -17.08 -2.61 -1.30
N PRO B 147 -17.13 -2.70 -2.62
CA PRO B 147 -16.39 -1.72 -3.40
C PRO B 147 -17.06 -0.36 -3.32
N VAL B 148 -16.23 0.67 -3.27
CA VAL B 148 -16.67 2.07 -3.40
C VAL B 148 -16.01 2.49 -4.73
N LEU B 149 -16.76 2.33 -5.81
CA LEU B 149 -16.24 2.53 -7.17
C LEU B 149 -16.35 3.99 -7.52
N CYS B 150 -15.21 4.64 -7.66
CA CYS B 150 -15.14 6.04 -8.01
C CYS B 150 -15.11 6.21 -9.52
N ILE B 151 -15.95 7.12 -10.02
CA ILE B 151 -16.04 7.44 -11.42
C ILE B 151 -16.17 8.95 -11.56
N GLY B 152 -15.93 9.47 -12.76
CA GLY B 152 -16.10 10.91 -12.98
C GLY B 152 -15.26 11.42 -14.13
N GLU B 153 -15.68 12.57 -14.63
CA GLU B 153 -15.09 13.15 -15.83
C GLU B 153 -14.21 14.37 -15.57
N THR B 154 -13.24 14.54 -16.46
CA THR B 154 -12.24 15.61 -16.35
C THR B 154 -12.79 16.96 -16.84
N GLU B 155 -11.98 18.00 -16.64
CA GLU B 155 -12.33 19.32 -17.14
C GLU B 155 -12.68 19.29 -18.64
N ALA B 156 -11.81 18.69 -19.44
CA ALA B 156 -12.04 18.67 -20.88
C ALA B 156 -13.24 17.83 -21.27
N GLU B 157 -13.40 16.68 -20.62
CA GLU B 157 -14.55 15.81 -20.93
C GLU B 157 -15.87 16.54 -20.61
N ASN B 158 -15.89 17.23 -19.48
CA ASN B 158 -17.07 18.00 -19.10
C ASN B 158 -17.36 19.11 -20.10
N GLU B 159 -16.34 19.86 -20.48
N GLU B 159 -16.34 19.87 -20.50
CA GLU B 159 -16.50 20.95 -21.44
CA GLU B 159 -16.54 20.97 -21.46
C GLU B 159 -17.06 20.43 -22.77
C GLU B 159 -16.96 20.48 -22.84
N ALA B 160 -16.61 19.24 -23.18
CA ALA B 160 -17.01 18.65 -24.45
C ALA B 160 -18.35 17.94 -24.43
N GLY B 161 -19.03 17.96 -23.26
CA GLY B 161 -20.35 17.38 -23.13
C GLY B 161 -20.31 15.85 -23.04
N LYS B 162 -19.19 15.31 -22.57
N LYS B 162 -19.19 15.32 -22.56
CA LYS B 162 -19.02 13.85 -22.50
CA LYS B 162 -18.99 13.88 -22.49
C LYS B 162 -19.26 13.22 -21.13
C LYS B 162 -19.15 13.26 -21.10
N THR B 163 -19.81 13.96 -20.18
CA THR B 163 -20.07 13.44 -18.83
C THR B 163 -20.74 12.05 -18.84
N GLU B 164 -21.83 11.91 -19.59
CA GLU B 164 -22.57 10.66 -19.65
C GLU B 164 -21.75 9.54 -20.29
N GLU B 165 -21.10 9.82 -21.41
N GLU B 165 -21.09 9.83 -21.40
CA GLU B 165 -20.25 8.84 -22.08
CA GLU B 165 -20.26 8.86 -22.10
C GLU B 165 -19.16 8.30 -21.15
C GLU B 165 -19.14 8.32 -21.18
N VAL B 166 -18.49 9.21 -20.45
CA VAL B 166 -17.42 8.83 -19.56
C VAL B 166 -17.93 7.98 -18.38
N CYS B 167 -18.97 8.45 -17.72
CA CYS B 167 -19.52 7.69 -16.58
C CYS B 167 -20.02 6.31 -17.03
N ALA B 168 -20.69 6.23 -18.19
CA ALA B 168 -21.15 4.94 -18.68
C ALA B 168 -19.98 4.01 -18.95
N ARG B 169 -18.92 4.53 -19.55
CA ARG B 169 -17.75 3.69 -19.84
C ARG B 169 -17.14 3.13 -18.56
N GLN B 170 -16.99 4.00 -17.57
CA GLN B 170 -16.38 3.60 -16.31
C GLN B 170 -17.20 2.57 -15.57
N ILE B 171 -18.53 2.68 -15.63
CA ILE B 171 -19.44 1.70 -15.04
C ILE B 171 -19.45 0.43 -15.87
N ASP B 172 -19.50 0.57 -17.19
CA ASP B 172 -19.57 -0.61 -18.09
C ASP B 172 -18.38 -1.56 -17.94
N ALA B 173 -17.23 -1.05 -17.54
CA ALA B 173 -16.06 -1.88 -17.34
C ALA B 173 -16.39 -3.03 -16.38
N VAL B 174 -17.25 -2.75 -15.39
CA VAL B 174 -17.75 -3.78 -14.48
C VAL B 174 -19.05 -4.38 -15.02
N LEU B 175 -20.04 -3.56 -15.37
CA LEU B 175 -21.35 -4.05 -15.75
C LEU B 175 -21.33 -5.05 -16.91
N LYS B 176 -20.54 -4.77 -17.94
CA LYS B 176 -20.51 -5.61 -19.11
C LYS B 176 -19.64 -6.83 -18.98
N THR B 177 -18.78 -6.87 -18.00
CA THR B 177 -17.90 -8.04 -17.85
C THR B 177 -18.26 -8.91 -16.66
N GLN B 178 -19.00 -8.37 -15.70
CA GLN B 178 -19.36 -9.06 -14.47
C GLN B 178 -20.85 -9.21 -14.24
N GLY B 179 -21.67 -8.48 -15.00
CA GLY B 179 -23.12 -8.55 -14.84
C GLY B 179 -23.65 -7.54 -13.85
N ALA B 180 -24.95 -7.26 -13.94
CA ALA B 180 -25.59 -6.32 -13.03
C ALA B 180 -25.50 -6.77 -11.58
N ALA B 181 -25.50 -8.07 -11.33
CA ALA B 181 -25.45 -8.53 -9.94
C ALA B 181 -24.15 -8.14 -9.24
N ALA B 182 -23.14 -7.75 -10.00
CA ALA B 182 -21.88 -7.27 -9.40
C ALA B 182 -22.16 -6.03 -8.52
N PHE B 183 -23.19 -5.27 -8.88
CA PHE B 183 -23.56 -4.07 -8.13
C PHE B 183 -24.46 -4.28 -6.91
N GLU B 184 -24.81 -5.52 -6.63
N GLU B 184 -24.81 -5.52 -6.64
CA GLU B 184 -25.57 -5.79 -5.43
CA GLU B 184 -25.56 -5.83 -5.43
C GLU B 184 -24.67 -5.49 -4.23
C GLU B 184 -24.65 -5.49 -4.24
N GLY B 185 -25.14 -4.61 -3.37
CA GLY B 185 -24.39 -4.19 -2.18
C GLY B 185 -23.25 -3.25 -2.45
N ALA B 186 -23.06 -2.78 -3.68
CA ALA B 186 -21.93 -1.88 -4.00
C ALA B 186 -22.28 -0.40 -3.83
N VAL B 187 -21.22 0.40 -3.79
CA VAL B 187 -21.28 1.84 -3.72
C VAL B 187 -20.54 2.42 -4.92
N ILE B 188 -21.12 3.47 -5.50
CA ILE B 188 -20.48 4.25 -6.56
C ILE B 188 -20.31 5.65 -5.99
N ALA B 189 -19.16 6.26 -6.21
CA ALA B 189 -18.92 7.65 -5.83
C ALA B 189 -18.61 8.49 -7.09
N TYR B 190 -19.46 9.47 -7.38
CA TYR B 190 -19.30 10.34 -8.54
C TYR B 190 -18.40 11.52 -8.16
N GLU B 191 -17.24 11.60 -8.79
CA GLU B 191 -16.32 12.73 -8.59
C GLU B 191 -16.35 13.68 -9.77
N PRO B 192 -16.90 14.90 -9.59
CA PRO B 192 -16.88 15.91 -10.66
C PRO B 192 -15.48 16.54 -10.74
N VAL B 193 -14.54 15.80 -11.32
CA VAL B 193 -13.14 16.24 -11.35
C VAL B 193 -13.02 17.64 -11.98
N TRP B 194 -13.85 17.90 -12.98
CA TRP B 194 -13.91 19.18 -13.67
C TRP B 194 -14.20 20.35 -12.76
N ALA B 195 -14.79 20.10 -11.60
CA ALA B 195 -15.15 21.15 -10.67
C ALA B 195 -14.15 21.33 -9.51
N ILE B 196 -12.95 20.76 -9.63
CA ILE B 196 -11.96 20.80 -8.52
C ILE B 196 -11.54 22.22 -8.12
N GLY B 197 -11.44 23.10 -9.12
CA GLY B 197 -11.04 24.47 -8.85
C GLY B 197 -12.14 25.30 -8.18
N THR B 198 -11.75 26.47 -7.66
CA THR B 198 -12.71 27.39 -7.04
C THR B 198 -13.45 28.17 -8.12
N GLY B 199 -13.04 28.00 -9.38
CA GLY B 199 -13.67 28.67 -10.50
C GLY B 199 -14.93 27.96 -10.97
N LYS B 200 -14.93 26.63 -10.84
CA LYS B 200 -16.07 25.81 -11.23
C LYS B 200 -16.66 25.10 -10.02
N SER B 201 -17.98 25.01 -10.01
CA SER B 201 -18.71 24.36 -8.92
C SER B 201 -19.87 23.58 -9.50
N ALA B 202 -20.13 22.41 -8.93
CA ALA B 202 -21.26 21.61 -9.36
C ALA B 202 -22.39 21.98 -8.43
N THR B 203 -23.55 22.25 -8.99
CA THR B 203 -24.70 22.54 -8.17
C THR B 203 -25.34 21.21 -7.76
N PRO B 204 -26.15 21.23 -6.71
CA PRO B 204 -26.87 20.01 -6.38
C PRO B 204 -27.71 19.50 -7.56
N ALA B 205 -28.29 20.39 -8.34
CA ALA B 205 -29.09 19.97 -9.49
C ALA B 205 -28.21 19.27 -10.52
N GLN B 206 -27.01 19.79 -10.76
CA GLN B 206 -26.08 19.15 -11.69
C GLN B 206 -25.66 17.78 -11.19
N ALA B 207 -25.35 17.69 -9.90
CA ALA B 207 -24.98 16.41 -9.32
C ALA B 207 -26.12 15.42 -9.43
N GLN B 208 -27.33 15.87 -9.09
CA GLN B 208 -28.51 14.99 -9.20
C GLN B 208 -28.67 14.45 -10.62
N ALA B 209 -28.48 15.27 -11.64
CA ALA B 209 -28.63 14.84 -13.05
C ALA B 209 -27.66 13.72 -13.36
N VAL B 210 -26.42 13.81 -12.87
CA VAL B 210 -25.44 12.77 -13.12
C VAL B 210 -25.81 11.51 -12.32
N HIS B 211 -26.16 11.64 -11.05
CA HIS B 211 -26.55 10.47 -10.25
C HIS B 211 -27.75 9.73 -10.88
N LYS B 212 -28.74 10.47 -11.37
N LYS B 212 -28.74 10.47 -11.37
CA LYS B 212 -29.90 9.86 -12.01
CA LYS B 212 -29.91 9.88 -12.01
C LYS B 212 -29.47 9.11 -13.26
C LYS B 212 -29.51 9.14 -13.29
N PHE B 213 -28.56 9.71 -14.03
CA PHE B 213 -28.06 9.06 -15.23
C PHE B 213 -27.37 7.74 -14.87
N ILE B 214 -26.52 7.75 -13.84
CA ILE B 214 -25.81 6.58 -13.40
C ILE B 214 -26.80 5.47 -13.01
N ARG B 215 -27.79 5.83 -12.23
CA ARG B 215 -28.76 4.83 -11.76
C ARG B 215 -29.57 4.29 -12.92
N ASP B 216 -29.98 5.19 -13.82
CA ASP B 216 -30.75 4.79 -15.01
C ASP B 216 -29.95 3.87 -15.91
N HIS B 217 -28.64 4.11 -16.00
CA HIS B 217 -27.79 3.29 -16.83
C HIS B 217 -27.74 1.84 -16.34
N ILE B 218 -27.61 1.64 -15.03
CA ILE B 218 -27.62 0.30 -14.46
C ILE B 218 -29.01 -0.30 -14.56
N ALA B 219 -30.03 0.53 -14.41
CA ALA B 219 -31.41 0.04 -14.46
C ALA B 219 -31.75 -0.56 -15.82
N LYS B 220 -31.07 -0.13 -16.87
CA LYS B 220 -31.32 -0.72 -18.21
C LYS B 220 -30.97 -2.21 -18.23
N VAL B 221 -30.09 -2.64 -17.35
CA VAL B 221 -29.68 -4.04 -17.24
C VAL B 221 -30.47 -4.72 -16.14
N ASP B 222 -30.66 -4.06 -14.99
CA ASP B 222 -31.44 -4.64 -13.88
C ASP B 222 -31.95 -3.53 -12.97
N ALA B 223 -33.26 -3.25 -13.05
CA ALA B 223 -33.87 -2.18 -12.29
C ALA B 223 -33.78 -2.36 -10.78
N ASN B 224 -33.94 -3.60 -10.32
CA ASN B 224 -33.86 -3.91 -8.90
C ASN B 224 -32.46 -3.59 -8.34
N ILE B 225 -31.44 -4.03 -9.06
CA ILE B 225 -30.08 -3.72 -8.65
C ILE B 225 -29.88 -2.20 -8.59
N ALA B 226 -30.36 -1.52 -9.62
CA ALA B 226 -30.15 -0.07 -9.69
C ALA B 226 -30.75 0.64 -8.48
N GLU B 227 -31.93 0.17 -8.06
N GLU B 227 -31.92 0.20 -8.04
CA GLU B 227 -32.63 0.75 -6.92
CA GLU B 227 -32.59 0.86 -6.91
C GLU B 227 -31.86 0.71 -5.61
C GLU B 227 -31.91 0.67 -5.55
N GLN B 228 -31.02 -0.31 -5.43
CA GLN B 228 -30.30 -0.51 -4.18
C GLN B 228 -28.85 -0.06 -4.18
N VAL B 229 -28.33 0.39 -5.32
CA VAL B 229 -26.95 0.87 -5.35
C VAL B 229 -26.87 2.20 -4.59
N ILE B 230 -25.86 2.35 -3.75
CA ILE B 230 -25.63 3.60 -3.02
C ILE B 230 -24.74 4.48 -3.91
N ILE B 231 -25.25 5.62 -4.35
CA ILE B 231 -24.48 6.52 -5.20
C ILE B 231 -24.14 7.77 -4.37
N GLN B 232 -22.90 7.86 -3.95
CA GLN B 232 -22.41 8.98 -3.18
C GLN B 232 -21.88 10.10 -4.08
N TYR B 233 -22.05 11.34 -3.63
CA TYR B 233 -21.39 12.47 -4.27
C TYR B 233 -19.96 12.58 -3.73
N GLY B 234 -18.98 12.75 -4.64
CA GLY B 234 -17.59 12.83 -4.33
C GLY B 234 -16.93 14.12 -4.65
N GLY B 235 -17.76 15.14 -4.90
N GLY B 235 -17.68 15.16 -4.95
CA GLY B 235 -17.34 16.52 -5.11
CA GLY B 235 -17.03 16.45 -5.12
C GLY B 235 -17.32 17.21 -3.74
C GLY B 235 -16.61 16.91 -3.73
N SER B 236 -16.90 18.47 -3.68
N SER B 236 -16.04 18.10 -3.65
CA SER B 236 -16.72 19.09 -2.36
CA SER B 236 -15.70 18.66 -2.36
C SER B 236 -18.08 19.34 -1.67
C SER B 236 -16.98 18.79 -1.54
N VAL B 237 -18.17 18.89 -0.42
N VAL B 237 -17.06 18.05 -0.44
CA VAL B 237 -19.37 19.06 0.37
CA VAL B 237 -18.20 18.10 0.44
C VAL B 237 -19.01 19.82 1.64
C VAL B 237 -17.73 18.61 1.79
N ASN B 238 -19.82 20.82 1.97
N ASN B 238 -18.43 19.62 2.30
CA ASN B 238 -19.64 21.61 3.20
CA ASN B 238 -18.09 20.19 3.59
C ASN B 238 -21.00 21.72 3.90
C ASN B 238 -19.34 20.46 4.40
N ALA B 239 -21.04 22.41 5.04
N ALA B 239 -19.14 20.89 5.63
CA ALA B 239 -22.29 22.53 5.77
CA ALA B 239 -20.26 21.14 6.52
C ALA B 239 -23.35 23.34 5.03
C ALA B 239 -21.27 22.06 5.88
N SER B 240 -22.92 24.21 4.12
N SER B 240 -20.80 23.07 5.16
CA SER B 240 -23.89 25.06 3.47
CA SER B 240 -21.68 24.09 4.59
C SER B 240 -24.57 24.46 2.21
C SER B 240 -22.43 23.77 3.28
N ASN B 241 -24.01 23.39 1.65
N ASN B 241 -22.07 22.70 2.58
CA ASN B 241 -24.67 22.75 0.51
CA ASN B 241 -22.79 22.41 1.33
C ASN B 241 -25.09 21.30 0.81
C ASN B 241 -23.46 21.03 1.30
N ALA B 242 -24.74 20.79 1.97
N ALA B 242 -23.32 20.29 2.39
CA ALA B 242 -25.08 19.40 2.31
CA ALA B 242 -23.84 18.94 2.50
C ALA B 242 -26.61 19.15 2.31
C ALA B 242 -25.36 18.85 2.43
N ALA B 243 -27.38 20.04 2.91
N ALA B 243 -26.06 19.71 3.17
CA ALA B 243 -28.83 19.83 2.96
CA ALA B 243 -27.51 19.64 3.21
C ALA B 243 -29.41 19.69 1.55
C ALA B 243 -28.14 19.78 1.82
N GLU B 244 -29.05 20.64 0.68
N GLU B 244 -27.64 20.74 1.04
CA GLU B 244 -29.55 20.64 -0.67
CA GLU B 244 -28.14 21.00 -0.31
C GLU B 244 -29.10 19.40 -1.45
C GLU B 244 -28.01 19.75 -1.20
N LEU B 245 -27.82 19.07 -1.36
N LEU B 245 -26.91 19.02 -1.06
CA LEU B 245 -27.25 17.89 -2.02
CA LEU B 245 -26.71 17.81 -1.86
C LEU B 245 -27.95 16.68 -1.50
C LEU B 245 -27.67 16.65 -1.48
N PHE B 246 -27.94 16.48 -0.19
CA PHE B 246 -28.65 15.31 0.32
C PHE B 246 -30.17 15.32 0.14
N ALA B 247 -30.72 16.49 -0.21
CA ALA B 247 -32.14 16.56 -0.52
C ALA B 247 -32.46 15.95 -1.90
N GLN B 248 -31.44 15.69 -2.71
CA GLN B 248 -31.67 15.16 -4.05
C GLN B 248 -31.96 13.68 -3.98
N PRO B 249 -32.92 13.20 -4.76
CA PRO B 249 -33.38 11.82 -4.62
C PRO B 249 -32.40 10.72 -4.96
N ASP B 250 -31.45 10.99 -5.86
CA ASP B 250 -30.48 9.98 -6.27
C ASP B 250 -29.08 10.15 -5.66
N ILE B 251 -28.96 11.06 -4.70
CA ILE B 251 -27.71 11.28 -3.96
C ILE B 251 -27.89 10.60 -2.61
N ASP B 252 -27.09 9.55 -2.38
CA ASP B 252 -27.25 8.71 -1.17
C ASP B 252 -26.21 8.93 -0.11
N GLY B 253 -25.43 9.99 -0.18
CA GLY B 253 -24.39 10.23 0.78
C GLY B 253 -23.22 10.89 0.10
N ALA B 254 -22.06 10.84 0.74
CA ALA B 254 -20.88 11.52 0.23
C ALA B 254 -19.60 10.77 0.57
N LEU B 255 -18.64 10.83 -0.36
CA LEU B 255 -17.28 10.38 -0.13
C LEU B 255 -16.52 11.69 0.10
N VAL B 256 -16.16 11.94 1.35
CA VAL B 256 -15.61 13.21 1.80
C VAL B 256 -14.08 13.18 1.90
N GLY B 257 -13.43 14.22 1.42
CA GLY B 257 -11.98 14.30 1.49
C GLY B 257 -11.48 15.08 2.68
N GLY B 258 -11.06 16.33 2.47
CA GLY B 258 -10.49 17.12 3.54
C GLY B 258 -11.28 17.26 4.82
N ALA B 259 -12.60 17.40 4.70
CA ALA B 259 -13.43 17.55 5.88
C ALA B 259 -13.44 16.33 6.78
N SER B 260 -12.97 15.20 6.25
CA SER B 260 -12.96 13.98 7.04
C SER B 260 -11.90 14.02 8.15
N LEU B 261 -10.96 14.96 8.03
CA LEU B 261 -9.85 15.08 8.99
C LEU B 261 -10.20 15.94 10.20
N LYS B 262 -11.40 16.50 10.21
N LYS B 262 -11.42 16.48 10.18
CA LYS B 262 -11.86 17.31 11.36
CA LYS B 262 -11.94 17.32 11.24
C LYS B 262 -13.20 16.75 11.80
C LYS B 262 -13.22 16.65 11.75
N ALA B 263 -13.21 16.15 12.98
CA ALA B 263 -14.37 15.45 13.51
C ALA B 263 -15.66 16.27 13.50
N ASP B 264 -15.57 17.53 13.90
CA ASP B 264 -16.78 18.36 13.93
C ASP B 264 -17.38 18.58 12.55
N ALA B 265 -16.55 18.92 11.56
CA ALA B 265 -17.03 19.15 10.21
C ALA B 265 -17.59 17.87 9.60
N PHE B 266 -16.87 16.78 9.77
CA PHE B 266 -17.35 15.51 9.25
C PHE B 266 -18.70 15.14 9.84
N ALA B 267 -18.88 15.34 11.15
CA ALA B 267 -20.13 15.01 11.79
C ALA B 267 -21.27 15.88 11.28
N VAL B 268 -21.00 17.13 10.94
CA VAL B 268 -22.06 17.99 10.41
C VAL B 268 -22.58 17.40 9.10
N ILE B 269 -21.68 16.87 8.28
CA ILE B 269 -22.08 16.27 7.03
C ILE B 269 -22.92 15.01 7.28
N VAL B 270 -22.44 14.16 8.19
CA VAL B 270 -23.19 12.96 8.54
C VAL B 270 -24.59 13.30 9.04
N LYS B 271 -24.70 14.29 9.92
CA LYS B 271 -26.01 14.68 10.45
C LYS B 271 -26.93 15.25 9.37
N ALA B 272 -26.36 15.98 8.41
CA ALA B 272 -27.15 16.51 7.30
C ALA B 272 -27.73 15.36 6.45
N ALA B 273 -26.93 14.32 6.27
CA ALA B 273 -27.41 13.16 5.49
C ALA B 273 -28.53 12.45 6.24
N GLU B 274 -28.35 12.28 7.55
CA GLU B 274 -29.38 11.68 8.38
C GLU B 274 -30.70 12.47 8.31
N ALA B 275 -30.60 13.79 8.42
CA ALA B 275 -31.78 14.65 8.46
C ALA B 275 -32.51 14.66 7.12
N ALA B 276 -31.75 14.62 6.05
CA ALA B 276 -32.33 14.70 4.72
C ALA B 276 -33.10 13.45 4.34
N LYS B 277 -32.58 12.30 4.72
CA LYS B 277 -33.19 11.04 4.33
C LYS B 277 -34.23 10.52 5.34
N GLN B 278 -34.46 11.28 6.42
CA GLN B 278 -35.48 10.93 7.41
C GLN B 278 -36.77 11.71 7.14
CL CL C . 6.49 -20.54 12.05
CL CL C . 4.26 -19.78 12.40
C1 UVW D . 12.85 -16.00 -4.93
O1 UVW D . 11.65 -15.80 -5.09
C1M UVW D . 13.95 -15.39 -5.77
O2 UVW D . 13.28 -16.89 -3.89
P UVW D . 12.31 -17.67 -2.82
O1P UVW D . 11.48 -18.71 -3.53
O2P UVW D . 13.38 -18.20 -1.91
O3P UVW D . 11.49 -16.54 -2.20
P PO4 E . -7.80 -10.15 18.05
O1 PO4 E . -9.06 -9.42 18.41
O2 PO4 E . -6.68 -9.73 18.98
O3 PO4 E . -8.02 -11.64 18.17
O4 PO4 E . -7.41 -9.82 16.63
C1 EDO F . -4.54 -21.31 9.82
O1 EDO F . -5.60 -20.65 10.52
C2 EDO F . -4.31 -22.66 10.48
O2 EDO F . -3.28 -22.57 11.47
C1 UVW G . -11.70 17.43 -3.23
O1 UVW G . -10.52 17.29 -3.02
C1M UVW G . -12.33 17.25 -4.57
O2 UVW G . -12.54 17.79 -2.11
P UVW G . -11.87 18.36 -0.76
O1P UVW G . -11.02 17.23 -0.18
O2P UVW G . -11.06 19.52 -1.35
O3P UVW G . -13.08 18.74 0.06
C1 EDO H . -21.84 26.37 -0.68
O1 EDO H . -21.56 25.83 0.62
C2 EDO H . -21.91 25.32 -1.80
O2 EDO H . -21.46 25.83 -3.06
C1 PEG I . -11.92 18.40 -0.28
O1 PEG I . -10.96 19.45 -0.28
C2 PEG I . -11.32 17.10 -0.85
O2 PEG I . -12.37 16.30 -1.42
C3 PEG I . -12.12 14.90 -1.65
C4 PEG I . -12.36 14.59 -3.12
O4 PEG I . -11.23 13.93 -3.71
#